data_2P6H
#
_entry.id   2P6H
#
_cell.length_a   73.023
_cell.length_b   73.023
_cell.length_c   49.433
_cell.angle_alpha   90.00
_cell.angle_beta   90.00
_cell.angle_gamma   120.00
#
_symmetry.space_group_name_H-M   'P 3'
#
loop_
_entity.id
_entity.type
_entity.pdbx_description
1 polymer 'Hypothetical protein'
2 non-polymer 'SULFATE ION'
3 water water
#
_entity_poly.entity_id   1
_entity_poly.type   'polypeptide(L)'
_entity_poly.pdbx_seq_one_letter_code
;METGSFTVKTERRLQVLDVTGKVEEWLSTVGGVNGLLVVYVPHTTAAVAVNEAEPRLMEDIVEFIRELTKPGGPWKHNLV
DVNAHAHLGNTIIGDSRVIPVVGGRLSLGTWQRILFVEMDGPRERTVNLLYLGE
;
_entity_poly.pdbx_strand_id   A,B
#
# COMPACT_ATOMS: atom_id res chain seq x y z
N MET A 1 -16.62 -13.80 -13.65
CA MET A 1 -15.86 -12.58 -13.27
C MET A 1 -16.40 -11.95 -12.00
N GLU A 2 -15.57 -11.17 -11.33
CA GLU A 2 -15.94 -10.49 -10.12
C GLU A 2 -15.94 -9.01 -10.37
N THR A 3 -16.69 -8.34 -9.52
CA THR A 3 -16.91 -6.95 -9.79
C THR A 3 -17.10 -6.15 -8.49
N GLY A 4 -16.51 -4.97 -8.50
CA GLY A 4 -16.44 -4.15 -7.29
C GLY A 4 -16.12 -2.69 -7.55
N SER A 5 -16.08 -1.91 -6.48
CA SER A 5 -15.79 -0.49 -6.60
C SER A 5 -15.50 0.11 -5.24
N PHE A 6 -14.88 1.28 -5.24
CA PHE A 6 -14.59 2.00 -4.02
C PHE A 6 -14.56 3.48 -4.33
N THR A 7 -14.85 4.30 -3.29
CA THR A 7 -14.84 5.74 -3.52
C THR A 7 -13.53 6.36 -3.16
N VAL A 8 -13.30 7.50 -3.82
CA VAL A 8 -12.08 8.27 -3.62
C VAL A 8 -12.50 9.71 -3.47
N LYS A 9 -12.28 10.23 -2.27
CA LYS A 9 -12.62 11.59 -1.94
C LYS A 9 -11.45 12.48 -2.26
N THR A 10 -11.61 13.36 -3.25
CA THR A 10 -10.51 14.24 -3.60
C THR A 10 -10.69 15.58 -2.87
N GLU A 11 -9.57 16.26 -2.62
CA GLU A 11 -9.58 17.47 -1.82
C GLU A 11 -9.32 18.78 -2.56
N ARG A 12 -8.68 18.70 -3.72
CA ARG A 12 -8.28 19.85 -4.54
C ARG A 12 -8.82 19.78 -5.96
N ARG A 13 -8.79 20.89 -6.69
CA ARG A 13 -9.20 20.87 -8.09
C ARG A 13 -8.38 19.84 -8.85
N LEU A 14 -7.06 19.93 -8.73
CA LEU A 14 -6.15 18.96 -9.40
C LEU A 14 -5.43 18.24 -8.31
N GLN A 15 -5.45 16.92 -8.36
CA GLN A 15 -4.77 16.14 -7.35
C GLN A 15 -4.56 14.72 -7.81
N VAL A 16 -3.39 14.17 -7.49
CA VAL A 16 -3.07 12.80 -7.84
C VAL A 16 -3.07 11.99 -6.55
N LEU A 17 -3.78 10.87 -6.55
CA LEU A 17 -3.88 10.02 -5.36
C LEU A 17 -3.46 8.59 -5.68
N ASP A 18 -2.69 7.98 -4.77
CA ASP A 18 -2.26 6.59 -4.90
C ASP A 18 -3.35 5.70 -4.30
N VAL A 19 -4.07 4.96 -5.14
CA VAL A 19 -5.16 4.09 -4.67
C VAL A 19 -4.80 2.60 -4.80
N THR A 20 -3.52 2.28 -4.98
CA THR A 20 -3.06 0.89 -5.10
C THR A 20 -3.58 0.02 -3.97
N GLY A 21 -3.51 0.54 -2.75
CA GLY A 21 -3.93 -0.21 -1.58
C GLY A 21 -5.35 -0.76 -1.68
N LYS A 22 -6.30 0.11 -1.96
CA LYS A 22 -7.70 -0.27 -2.08
C LYS A 22 -7.93 -1.31 -3.18
N VAL A 23 -7.19 -1.20 -4.28
CA VAL A 23 -7.35 -2.14 -5.38
C VAL A 23 -6.93 -3.54 -4.97
N GLU A 24 -5.78 -3.65 -4.31
CA GLU A 24 -5.26 -4.92 -3.85
C GLU A 24 -6.21 -5.53 -2.82
N GLU A 25 -6.80 -4.66 -2.02
CA GLU A 25 -7.76 -5.05 -1.02
C GLU A 25 -8.83 -5.90 -1.66
N TRP A 26 -9.56 -5.23 -2.55
CA TRP A 26 -10.65 -5.86 -3.29
C TRP A 26 -10.15 -7.13 -3.97
N LEU A 27 -8.97 -6.99 -4.57
CA LEU A 27 -8.42 -8.11 -5.29
C LEU A 27 -8.21 -9.36 -4.42
N SER A 28 -7.79 -9.12 -3.16
CA SER A 28 -7.65 -10.26 -2.26
C SER A 28 -9.00 -10.72 -1.74
N THR A 29 -9.97 -9.81 -1.76
CA THR A 29 -11.33 -10.20 -1.33
C THR A 29 -11.93 -11.09 -2.38
N VAL A 30 -11.18 -11.18 -3.46
CA VAL A 30 -11.60 -11.99 -4.54
C VAL A 30 -10.68 -13.24 -4.69
N GLY A 31 -9.42 -13.07 -4.31
CA GLY A 31 -8.48 -14.18 -4.32
C GLY A 31 -8.16 -14.70 -5.71
N GLY A 32 -8.09 -13.80 -6.69
CA GLY A 32 -7.79 -14.21 -8.04
C GLY A 32 -6.35 -14.71 -8.17
N VAL A 33 -6.17 -15.75 -8.99
CA VAL A 33 -4.82 -16.26 -9.14
C VAL A 33 -4.24 -15.91 -10.52
N ASN A 34 -4.91 -16.29 -11.61
CA ASN A 34 -4.46 -15.94 -12.96
C ASN A 34 -5.62 -15.31 -13.71
N GLY A 35 -5.39 -14.11 -14.23
CA GLY A 35 -6.47 -13.40 -14.95
C GLY A 35 -6.08 -11.94 -15.20
N LEU A 36 -7.11 -11.08 -15.42
CA LEU A 36 -6.88 -9.66 -15.65
C LEU A 36 -7.73 -8.84 -14.72
N LEU A 37 -7.16 -7.73 -14.28
CA LEU A 37 -7.92 -6.83 -13.49
C LEU A 37 -8.10 -5.59 -14.32
N VAL A 38 -9.32 -5.06 -14.34
CA VAL A 38 -9.52 -3.80 -15.05
C VAL A 38 -9.91 -2.76 -14.04
N VAL A 39 -9.07 -1.72 -13.98
CA VAL A 39 -9.31 -0.58 -13.13
C VAL A 39 -9.81 0.52 -14.00
N TYR A 40 -10.99 1.05 -13.72
CA TYR A 40 -11.53 2.12 -14.55
C TYR A 40 -12.42 3.06 -13.76
N VAL A 41 -12.45 4.31 -14.23
CA VAL A 41 -13.28 5.31 -13.59
C VAL A 41 -14.37 5.77 -14.59
N PRO A 42 -15.60 5.92 -14.09
CA PRO A 42 -16.71 6.34 -14.91
C PRO A 42 -16.78 7.87 -15.10
N HIS A 43 -15.70 8.55 -14.74
CA HIS A 43 -15.68 10.01 -14.83
C HIS A 43 -15.01 10.54 -16.10
N THR A 44 -15.56 11.61 -16.66
CA THR A 44 -14.99 12.24 -17.86
C THR A 44 -14.04 13.39 -17.46
N THR A 45 -13.99 13.72 -16.16
CA THR A 45 -13.06 14.80 -15.75
C THR A 45 -12.12 14.33 -14.66
N ALA A 46 -11.88 13.03 -14.66
CA ALA A 46 -10.88 12.41 -13.81
C ALA A 46 -10.30 11.29 -14.61
N ALA A 47 -9.13 10.81 -14.22
CA ALA A 47 -8.49 9.74 -14.99
C ALA A 47 -7.72 8.80 -14.05
N VAL A 48 -7.16 7.73 -14.63
CA VAL A 48 -6.29 6.85 -13.86
C VAL A 48 -5.04 6.56 -14.67
N ALA A 49 -3.93 6.59 -13.95
CA ALA A 49 -2.66 6.34 -14.56
C ALA A 49 -1.85 5.39 -13.72
N VAL A 50 -0.78 4.87 -14.28
CA VAL A 50 0.12 4.03 -13.51
C VAL A 50 1.50 4.60 -13.55
N ASN A 51 2.02 4.94 -12.38
CA ASN A 51 3.38 5.45 -12.29
C ASN A 51 3.82 5.48 -10.83
N GLU A 52 4.93 6.18 -10.56
CA GLU A 52 5.51 6.21 -9.23
C GLU A 52 4.81 7.18 -8.28
N ALA A 53 4.50 6.71 -7.08
CA ALA A 53 3.83 7.54 -6.09
C ALA A 53 4.83 8.35 -5.24
N GLU A 54 5.75 9.05 -5.89
CA GLU A 54 6.67 9.88 -5.19
C GLU A 54 6.04 11.23 -5.03
N PRO A 55 5.95 11.78 -3.80
CA PRO A 55 5.30 13.09 -3.57
C PRO A 55 5.62 14.24 -4.54
N ARG A 56 6.90 14.49 -4.77
CA ARG A 56 7.23 15.60 -5.65
C ARG A 56 6.78 15.31 -7.08
N LEU A 57 6.99 14.09 -7.56
CA LEU A 57 6.53 13.70 -8.89
C LEU A 57 5.04 13.92 -9.04
N MET A 58 4.29 13.61 -7.99
CA MET A 58 2.85 13.72 -8.04
C MET A 58 2.44 15.19 -8.18
N GLU A 59 3.26 16.08 -7.63
CA GLU A 59 3.04 17.51 -7.77
C GLU A 59 3.33 17.88 -9.20
N ASP A 60 4.40 17.31 -9.73
CA ASP A 60 4.80 17.61 -11.11
C ASP A 60 3.72 17.19 -12.11
N ILE A 61 3.09 16.03 -11.81
CA ILE A 61 2.06 15.57 -12.72
C ILE A 61 0.91 16.57 -12.81
N VAL A 62 0.52 17.12 -11.64
CA VAL A 62 -0.52 18.11 -11.70
C VAL A 62 -0.10 19.34 -12.47
N GLU A 63 1.14 19.82 -12.23
CA GLU A 63 1.59 20.99 -12.96
C GLU A 63 1.71 20.71 -14.47
N PHE A 64 2.14 19.51 -14.82
CA PHE A 64 2.26 19.11 -16.21
C PHE A 64 0.90 19.19 -16.89
N ILE A 65 -0.10 18.63 -16.17
CA ILE A 65 -1.47 18.64 -16.65
C ILE A 65 -2.01 20.08 -16.77
N ARG A 66 -1.73 20.89 -15.72
CA ARG A 66 -2.18 22.27 -15.74
C ARG A 66 -1.66 23.01 -16.99
N GLU A 67 -0.38 22.81 -17.28
CA GLU A 67 0.30 23.42 -18.43
C GLU A 67 -0.35 23.04 -19.77
N LEU A 68 -0.64 21.71 -19.95
CA LEU A 68 -1.19 21.27 -21.23
C LEU A 68 -2.64 21.58 -21.37
N THR A 69 -3.45 21.39 -20.34
CA THR A 69 -4.90 21.58 -20.44
C THR A 69 -5.50 22.98 -20.15
N LYS A 70 -4.70 23.85 -19.54
CA LYS A 70 -5.09 25.24 -19.23
C LYS A 70 -6.46 25.40 -18.55
N PRO A 71 -6.51 25.18 -17.22
CA PRO A 71 -7.78 25.37 -16.52
C PRO A 71 -8.18 26.84 -16.67
N GLY A 72 -9.42 27.10 -17.10
CA GLY A 72 -9.88 28.45 -17.28
C GLY A 72 -9.38 29.09 -18.56
N GLY A 73 -8.67 28.31 -19.37
CA GLY A 73 -8.14 28.80 -20.63
C GLY A 73 -9.23 29.08 -21.64
N PRO A 74 -8.87 29.52 -22.86
CA PRO A 74 -9.84 29.82 -23.91
C PRO A 74 -10.45 28.59 -24.57
N TRP A 75 -11.38 27.96 -23.85
CA TRP A 75 -12.06 26.76 -24.34
C TRP A 75 -13.53 27.12 -24.55
N LYS A 76 -14.09 26.65 -25.67
CA LYS A 76 -15.49 26.94 -25.97
C LYS A 76 -16.44 26.25 -24.99
N HIS A 77 -16.00 25.15 -24.37
CA HIS A 77 -16.80 24.45 -23.38
C HIS A 77 -17.07 25.40 -22.21
N ASN A 78 -16.27 26.48 -22.11
CA ASN A 78 -16.44 27.50 -21.01
C ASN A 78 -17.81 28.12 -21.03
N LEU A 79 -18.46 28.14 -22.17
CA LEU A 79 -19.80 28.72 -22.23
C LEU A 79 -20.75 27.83 -21.44
N VAL A 80 -20.43 26.52 -21.43
CA VAL A 80 -21.27 25.50 -20.79
C VAL A 80 -20.88 25.21 -19.32
N ASP A 81 -19.58 25.06 -19.05
CA ASP A 81 -19.14 24.73 -17.70
C ASP A 81 -17.72 25.27 -17.50
N VAL A 82 -17.08 24.95 -16.40
CA VAL A 82 -15.71 25.48 -16.17
C VAL A 82 -14.65 24.41 -16.03
N ASN A 83 -14.93 23.19 -16.48
CA ASN A 83 -13.96 22.08 -16.35
C ASN A 83 -13.42 21.55 -17.69
N ALA A 84 -13.39 22.38 -18.73
CA ALA A 84 -12.90 21.92 -20.03
C ALA A 84 -11.53 21.22 -19.91
N HIS A 85 -10.61 21.84 -19.19
CA HIS A 85 -9.27 21.29 -19.01
C HIS A 85 -9.27 19.86 -18.47
N ALA A 86 -10.20 19.55 -17.57
CA ALA A 86 -10.27 18.21 -17.00
C ALA A 86 -10.64 17.17 -18.06
N HIS A 87 -11.59 17.51 -18.94
CA HIS A 87 -11.99 16.61 -20.00
C HIS A 87 -10.78 16.34 -20.90
N LEU A 88 -10.04 17.41 -21.21
CA LEU A 88 -8.86 17.30 -22.06
C LEU A 88 -7.80 16.41 -21.41
N GLY A 89 -7.56 16.58 -20.12
CA GLY A 89 -6.59 15.74 -19.43
C GLY A 89 -6.99 14.29 -19.49
N ASN A 90 -8.27 14.04 -19.23
CA ASN A 90 -8.81 12.68 -19.27
C ASN A 90 -8.57 12.03 -20.62
N THR A 91 -8.76 12.80 -21.73
CA THR A 91 -8.56 12.16 -23.04
C THR A 91 -7.13 11.69 -23.30
N ILE A 92 -6.10 12.38 -22.78
CA ILE A 92 -4.76 11.82 -23.14
C ILE A 92 -4.12 11.08 -21.99
N ILE A 93 -4.84 10.96 -20.84
CA ILE A 93 -4.31 10.10 -19.80
C ILE A 93 -5.04 8.77 -19.82
N GLY A 94 -6.35 8.79 -20.03
CA GLY A 94 -7.10 7.55 -20.10
C GLY A 94 -7.92 7.27 -18.84
N ASP A 95 -9.02 6.54 -19.00
CA ASP A 95 -9.89 6.25 -17.87
C ASP A 95 -9.94 4.79 -17.45
N SER A 96 -9.08 3.96 -18.04
CA SER A 96 -9.06 2.56 -17.63
C SER A 96 -7.70 1.94 -17.91
N ARG A 97 -7.36 0.98 -17.06
CA ARG A 97 -6.07 0.29 -17.15
C ARG A 97 -6.27 -1.19 -16.95
N VAL A 98 -5.63 -1.98 -17.79
CA VAL A 98 -5.71 -3.43 -17.64
C VAL A 98 -4.42 -3.88 -16.99
N ILE A 99 -4.56 -4.66 -15.90
CA ILE A 99 -3.40 -5.15 -15.14
C ILE A 99 -3.47 -6.66 -14.94
N PRO A 100 -2.53 -7.41 -15.53
CA PRO A 100 -2.51 -8.86 -15.37
C PRO A 100 -2.32 -9.30 -13.91
N VAL A 101 -2.92 -10.44 -13.57
CA VAL A 101 -2.78 -11.02 -12.24
C VAL A 101 -2.22 -12.40 -12.58
N VAL A 102 -0.99 -12.65 -12.14
CA VAL A 102 -0.34 -13.92 -12.45
C VAL A 102 0.15 -14.60 -11.18
N GLY A 103 -0.32 -15.82 -10.95
CA GLY A 103 0.09 -16.55 -9.77
C GLY A 103 -0.23 -15.76 -8.51
N GLY A 104 -1.39 -15.12 -8.50
CA GLY A 104 -1.80 -14.35 -7.34
C GLY A 104 -1.12 -12.99 -7.25
N ARG A 105 -0.16 -12.71 -8.13
CA ARG A 105 0.56 -11.44 -8.08
C ARG A 105 0.04 -10.39 -9.08
N LEU A 106 -0.41 -9.26 -8.55
CA LEU A 106 -0.82 -8.20 -9.38
C LEU A 106 0.40 -7.77 -10.12
N SER A 107 0.35 -7.85 -11.45
CA SER A 107 1.57 -7.66 -12.25
C SER A 107 1.97 -6.16 -12.48
N LEU A 108 2.28 -5.46 -11.39
CA LEU A 108 2.76 -4.09 -11.48
C LEU A 108 4.27 -4.15 -11.28
N GLY A 109 4.98 -3.19 -11.87
CA GLY A 109 6.42 -3.15 -11.73
C GLY A 109 6.80 -2.73 -10.33
N THR A 110 8.09 -2.82 -10.02
CA THR A 110 8.54 -2.46 -8.65
C THR A 110 8.12 -1.06 -8.23
N TRP A 111 8.21 -0.07 -9.10
CA TRP A 111 7.85 1.30 -8.74
C TRP A 111 6.51 1.79 -9.30
N GLN A 112 5.74 0.89 -9.91
CA GLN A 112 4.44 1.26 -10.46
C GLN A 112 3.33 1.23 -9.42
N ARG A 113 2.48 2.25 -9.46
CA ARG A 113 1.36 2.33 -8.55
C ARG A 113 0.15 2.85 -9.31
N ILE A 114 -1.04 2.54 -8.81
CA ILE A 114 -2.28 2.96 -9.44
C ILE A 114 -2.65 4.34 -8.93
N LEU A 115 -2.61 5.32 -9.81
CA LEU A 115 -2.88 6.69 -9.41
C LEU A 115 -4.19 7.26 -9.94
N PHE A 116 -5.01 7.77 -9.03
CA PHE A 116 -6.26 8.41 -9.41
C PHE A 116 -5.85 9.85 -9.71
N VAL A 117 -6.23 10.34 -10.88
CA VAL A 117 -5.90 11.70 -11.26
C VAL A 117 -7.14 12.57 -11.30
N GLU A 118 -7.34 13.37 -10.26
CA GLU A 118 -8.49 14.27 -10.16
C GLU A 118 -8.17 15.60 -10.86
N MET A 119 -9.07 16.06 -11.73
CA MET A 119 -8.84 17.31 -12.43
C MET A 119 -9.98 18.30 -12.23
N ASP A 120 -11.01 17.87 -11.50
CA ASP A 120 -12.17 18.73 -11.23
C ASP A 120 -12.68 18.52 -9.80
N GLY A 121 -11.75 18.46 -8.85
CA GLY A 121 -12.13 18.29 -7.46
C GLY A 121 -12.46 19.62 -6.81
N PRO A 122 -12.83 19.63 -5.52
CA PRO A 122 -12.94 18.44 -4.67
C PRO A 122 -14.26 17.71 -4.92
N ARG A 123 -14.17 16.39 -5.07
CA ARG A 123 -15.36 15.58 -5.34
C ARG A 123 -15.23 14.18 -4.72
N GLU A 124 -16.38 13.54 -4.58
CA GLU A 124 -16.37 12.19 -4.09
C GLU A 124 -16.44 11.33 -5.34
N ARG A 125 -15.28 10.78 -5.68
CA ARG A 125 -15.15 10.01 -6.90
C ARG A 125 -15.26 8.50 -6.73
N THR A 126 -15.39 7.79 -7.85
CA THR A 126 -15.53 6.32 -7.85
C THR A 126 -14.51 5.64 -8.73
N VAL A 127 -14.03 4.47 -8.25
CA VAL A 127 -13.17 3.62 -9.06
C VAL A 127 -13.83 2.28 -9.15
N ASN A 128 -14.06 1.84 -10.39
CA ASN A 128 -14.70 0.57 -10.57
C ASN A 128 -13.66 -0.50 -10.86
N LEU A 129 -13.94 -1.73 -10.47
CA LEU A 129 -12.98 -2.82 -10.63
C LEU A 129 -13.66 -4.06 -11.18
N LEU A 130 -12.94 -4.77 -12.06
CA LEU A 130 -13.44 -5.98 -12.69
C LEU A 130 -12.35 -7.01 -12.73
N TYR A 131 -12.63 -8.22 -12.27
CA TYR A 131 -11.65 -9.29 -12.30
C TYR A 131 -12.19 -10.40 -13.17
N LEU A 132 -11.41 -10.78 -14.17
CA LEU A 132 -11.80 -11.80 -15.13
C LEU A 132 -10.73 -12.88 -15.12
N GLY A 133 -11.05 -14.06 -14.62
CA GLY A 133 -10.07 -15.13 -14.61
C GLY A 133 -10.29 -16.20 -13.57
N GLU A 134 -9.28 -17.04 -13.38
CA GLU A 134 -9.35 -18.11 -12.39
C GLU A 134 -8.66 -17.72 -11.08
N MET B 1 18.54 12.81 11.98
CA MET B 1 17.62 11.72 11.68
C MET B 1 16.20 12.05 12.17
N GLU B 2 15.23 11.30 11.56
CA GLU B 2 13.83 11.43 11.95
C GLU B 2 13.35 10.15 12.57
N THR B 3 12.45 10.27 13.54
CA THR B 3 11.87 9.10 14.23
C THR B 3 10.38 9.25 14.28
N GLY B 4 9.71 8.11 14.23
CA GLY B 4 8.27 8.10 14.30
C GLY B 4 7.81 6.72 14.70
N SER B 5 6.50 6.54 14.79
CA SER B 5 5.94 5.25 15.15
C SER B 5 4.47 5.24 14.84
N PHE B 6 3.90 4.05 14.77
CA PHE B 6 2.49 3.90 14.52
C PHE B 6 2.04 2.63 15.23
N THR B 7 0.76 2.56 15.54
CA THR B 7 0.24 1.38 16.24
C THR B 7 -0.37 0.39 15.29
N VAL B 8 -0.38 -0.86 15.72
CA VAL B 8 -0.91 -1.96 14.94
C VAL B 8 -1.79 -2.77 15.88
N LYS B 9 -3.08 -2.76 15.60
CA LYS B 9 -4.03 -3.52 16.42
C LYS B 9 -4.18 -4.92 15.85
N THR B 10 -3.73 -5.91 16.61
CA THR B 10 -3.84 -7.28 16.12
C THR B 10 -5.12 -7.93 16.66
N GLU B 11 -5.66 -8.87 15.89
CA GLU B 11 -7.00 -9.43 16.22
C GLU B 11 -6.97 -10.90 16.74
N ARG B 12 -5.92 -11.65 16.46
CA ARG B 12 -5.83 -13.04 16.91
C ARG B 12 -4.48 -13.34 17.57
N ARG B 13 -4.37 -14.50 18.20
CA ARG B 13 -3.13 -14.87 18.87
C ARG B 13 -1.95 -14.82 17.90
N LEU B 14 -2.13 -15.43 16.73
CA LEU B 14 -1.09 -15.36 15.71
C LEU B 14 -1.69 -14.80 14.47
N GLN B 15 -1.00 -13.80 13.94
CA GLN B 15 -1.50 -13.07 12.80
C GLN B 15 -0.37 -12.33 12.11
N VAL B 16 -0.41 -12.31 10.78
CA VAL B 16 0.55 -11.57 10.04
C VAL B 16 -0.15 -10.43 9.34
N LEU B 17 0.39 -9.23 9.49
CA LEU B 17 -0.23 -8.04 8.93
C LEU B 17 0.73 -7.27 8.05
N ASP B 18 0.24 -6.81 6.90
CA ASP B 18 1.01 -5.98 5.95
C ASP B 18 0.94 -4.55 6.42
N VAL B 19 2.06 -3.98 6.87
CA VAL B 19 2.03 -2.59 7.33
C VAL B 19 2.91 -1.70 6.45
N THR B 20 3.19 -2.15 5.23
CA THR B 20 3.98 -1.36 4.28
C THR B 20 3.41 0.04 4.10
N GLY B 21 2.10 0.12 3.92
CA GLY B 21 1.45 1.40 3.70
C GLY B 21 1.79 2.44 4.77
N LYS B 22 1.61 2.09 6.03
CA LYS B 22 1.89 3.02 7.12
C LYS B 22 3.36 3.46 7.13
N VAL B 23 4.28 2.54 6.83
CA VAL B 23 5.69 2.92 6.82
C VAL B 23 6.01 3.93 5.75
N GLU B 24 5.51 3.69 4.54
CA GLU B 24 5.75 4.62 3.44
C GLU B 24 5.12 5.97 3.73
N GLU B 25 4.02 5.94 4.46
CA GLU B 25 3.31 7.16 4.84
C GLU B 25 4.26 8.05 5.61
N TRP B 26 4.77 7.51 6.73
CA TRP B 26 5.70 8.24 7.57
C TRP B 26 6.88 8.70 6.73
N LEU B 27 7.30 7.84 5.81
CA LEU B 27 8.42 8.11 4.92
C LEU B 27 8.11 9.32 4.03
N SER B 28 6.82 9.64 3.89
CA SER B 28 6.59 10.80 3.05
C SER B 28 6.48 12.07 3.89
N THR B 29 6.05 11.99 5.14
CA THR B 29 6.08 13.18 6.03
C THR B 29 7.51 13.56 6.30
N VAL B 30 8.45 12.73 5.86
CA VAL B 30 9.86 12.98 6.08
C VAL B 30 10.57 13.49 4.79
N GLY B 31 10.16 13.00 3.62
CA GLY B 31 10.78 13.43 2.38
C GLY B 31 12.20 12.92 2.15
N GLY B 32 12.56 11.86 2.88
CA GLY B 32 13.88 11.27 2.72
C GLY B 32 14.23 10.91 1.29
N VAL B 33 15.46 11.18 0.89
CA VAL B 33 15.89 10.87 -0.49
C VAL B 33 16.91 9.72 -0.53
N ASN B 34 18.02 9.87 0.19
CA ASN B 34 19.06 8.80 0.27
C ASN B 34 19.44 8.58 1.70
N GLY B 35 19.30 7.33 2.14
CA GLY B 35 19.61 7.01 3.52
C GLY B 35 19.13 5.63 3.90
N LEU B 36 18.93 5.40 5.20
CA LEU B 36 18.47 4.10 5.69
C LEU B 36 17.24 4.27 6.54
N LEU B 37 16.31 3.34 6.39
CA LEU B 37 15.13 3.32 7.20
C LEU B 37 15.24 2.13 8.10
N VAL B 38 14.92 2.31 9.37
CA VAL B 38 14.98 1.19 10.32
C VAL B 38 13.57 0.97 10.82
N VAL B 39 13.05 -0.22 10.55
CA VAL B 39 11.72 -0.58 11.01
C VAL B 39 11.96 -1.55 12.15
N TYR B 40 11.47 -1.21 13.34
CA TYR B 40 11.67 -2.09 14.48
C TYR B 40 10.52 -2.09 15.49
N VAL B 41 10.36 -3.22 16.18
CA VAL B 41 9.27 -3.38 17.16
C VAL B 41 9.93 -3.54 18.53
N PRO B 42 9.38 -2.87 19.56
CA PRO B 42 9.91 -2.99 20.92
C PRO B 42 9.33 -4.22 21.64
N HIS B 43 8.68 -5.10 20.88
CA HIS B 43 8.05 -6.28 21.48
C HIS B 43 8.90 -7.55 21.42
N THR B 44 8.83 -8.34 22.50
CA THR B 44 9.54 -9.65 22.59
C THR B 44 8.64 -10.75 22.10
N THR B 45 7.35 -10.48 21.95
CA THR B 45 6.44 -11.56 21.50
C THR B 45 5.73 -11.18 20.21
N ALA B 46 6.42 -10.37 19.42
CA ALA B 46 5.96 -10.03 18.09
C ALA B 46 7.22 -9.81 17.30
N ALA B 47 7.10 -9.78 15.98
CA ALA B 47 8.28 -9.65 15.12
C ALA B 47 7.94 -8.94 13.84
N VAL B 48 8.97 -8.65 13.06
CA VAL B 48 8.72 -8.04 11.74
C VAL B 48 9.57 -8.75 10.73
N ALA B 49 8.95 -9.01 9.58
CA ALA B 49 9.61 -9.73 8.51
C ALA B 49 9.29 -9.06 7.19
N VAL B 50 10.07 -9.38 6.18
CA VAL B 50 9.79 -8.85 4.86
C VAL B 50 9.54 -9.99 3.91
N ASN B 51 8.36 -9.99 3.32
CA ASN B 51 8.04 -11.02 2.35
C ASN B 51 6.76 -10.64 1.60
N GLU B 52 6.20 -11.60 0.87
CA GLU B 52 5.03 -11.32 0.02
C GLU B 52 3.73 -11.37 0.83
N ALA B 53 2.89 -10.36 0.58
CA ALA B 53 1.62 -10.26 1.32
C ALA B 53 0.47 -10.99 0.59
N GLU B 54 0.75 -12.21 0.15
CA GLU B 54 -0.28 -13.01 -0.43
C GLU B 54 -1.05 -13.67 0.70
N PRO B 55 -2.38 -13.55 0.72
CA PRO B 55 -3.23 -14.10 1.79
C PRO B 55 -3.01 -15.54 2.23
N ARG B 56 -2.90 -16.46 1.28
CA ARG B 56 -2.70 -17.84 1.67
C ARG B 56 -1.33 -18.04 2.29
N LEU B 57 -0.30 -17.41 1.73
CA LEU B 57 1.04 -17.47 2.28
C LEU B 57 1.10 -16.94 3.72
N MET B 58 0.36 -15.86 3.97
CA MET B 58 0.35 -15.26 5.30
C MET B 58 -0.25 -16.25 6.30
N GLU B 59 -1.20 -17.05 5.83
CA GLU B 59 -1.78 -18.08 6.65
C GLU B 59 -0.71 -19.11 6.93
N ASP B 60 0.04 -19.45 5.89
CA ASP B 60 1.10 -20.46 6.01
C ASP B 60 2.19 -20.04 6.98
N ILE B 61 2.50 -18.74 6.98
CA ILE B 61 3.52 -18.30 7.89
C ILE B 61 3.10 -18.54 9.33
N VAL B 62 1.77 -18.46 9.56
CA VAL B 62 1.32 -18.64 10.93
C VAL B 62 1.45 -20.10 11.33
N GLU B 63 1.00 -20.91 10.38
CA GLU B 63 1.08 -22.32 10.65
C GLU B 63 2.51 -22.77 10.82
N PHE B 64 3.40 -22.25 9.97
CA PHE B 64 4.82 -22.58 10.01
C PHE B 64 5.34 -22.23 11.42
N ILE B 65 5.00 -21.04 11.89
CA ILE B 65 5.41 -20.59 13.21
C ILE B 65 4.80 -21.49 14.29
N ARG B 66 3.51 -21.76 14.18
CA ARG B 66 2.85 -22.61 15.16
C ARG B 66 3.56 -23.95 15.28
N GLU B 67 3.95 -24.52 14.15
CA GLU B 67 4.67 -25.80 14.05
C GLU B 67 6.00 -25.78 14.83
N LEU B 68 6.79 -24.76 14.56
CA LEU B 68 8.13 -24.61 15.14
C LEU B 68 8.13 -24.24 16.62
N THR B 69 7.31 -23.26 16.99
CA THR B 69 7.36 -22.72 18.39
C THR B 69 6.40 -23.43 19.40
N LYS B 70 5.42 -24.20 18.94
CA LYS B 70 4.51 -24.97 19.82
C LYS B 70 3.82 -24.15 20.91
N PRO B 71 2.79 -23.37 20.55
CA PRO B 71 2.07 -22.58 21.55
C PRO B 71 1.47 -23.54 22.58
N GLY B 72 1.78 -23.34 23.85
CA GLY B 72 1.25 -24.20 24.90
C GLY B 72 2.02 -25.50 25.04
N GLY B 73 3.11 -25.64 24.29
CA GLY B 73 3.92 -26.83 24.35
C GLY B 73 4.70 -26.92 25.65
N PRO B 74 5.55 -27.95 25.84
CA PRO B 74 6.34 -28.11 27.06
C PRO B 74 7.49 -27.14 27.20
N TRP B 75 7.17 -25.91 27.58
CA TRP B 75 8.18 -24.88 27.77
C TRP B 75 8.21 -24.50 29.26
N LYS B 76 9.40 -24.40 29.82
CA LYS B 76 9.55 -24.04 31.23
C LYS B 76 8.97 -22.66 31.50
N HIS B 77 8.97 -21.79 30.49
CA HIS B 77 8.43 -20.44 30.67
C HIS B 77 6.92 -20.52 31.00
N ASN B 78 6.31 -21.68 30.75
CA ASN B 78 4.91 -21.96 31.05
C ASN B 78 4.56 -21.69 32.51
N LEU B 79 5.55 -21.88 33.37
CA LEU B 79 5.40 -21.67 34.80
C LEU B 79 5.08 -20.21 35.08
N VAL B 80 5.67 -19.35 34.25
CA VAL B 80 5.65 -17.85 34.37
C VAL B 80 4.46 -17.21 33.60
N ASP B 81 4.29 -17.63 32.35
CA ASP B 81 3.32 -17.03 31.46
C ASP B 81 2.88 -18.08 30.45
N VAL B 82 2.07 -17.67 29.48
CA VAL B 82 1.59 -18.63 28.47
C VAL B 82 2.06 -18.30 27.05
N ASN B 83 3.00 -17.38 26.88
CA ASN B 83 3.44 -16.97 25.54
C ASN B 83 4.86 -17.44 25.15
N ALA B 84 5.37 -18.52 25.73
CA ALA B 84 6.74 -18.97 25.40
C ALA B 84 6.98 -19.04 23.90
N HIS B 85 6.04 -19.63 23.18
CA HIS B 85 6.16 -19.79 21.73
C HIS B 85 6.38 -18.48 20.98
N ALA B 86 5.78 -17.40 21.47
CA ALA B 86 5.93 -16.09 20.78
C ALA B 86 7.34 -15.55 20.97
N HIS B 87 7.94 -15.77 22.14
CA HIS B 87 9.32 -15.32 22.37
C HIS B 87 10.24 -16.08 21.42
N LEU B 88 9.99 -17.38 21.30
CA LEU B 88 10.80 -18.25 20.44
C LEU B 88 10.69 -17.82 18.96
N GLY B 89 9.47 -17.55 18.52
CA GLY B 89 9.28 -17.11 17.15
C GLY B 89 10.01 -15.81 16.87
N ASN B 90 9.91 -14.88 17.81
CA ASN B 90 10.59 -13.60 17.65
C ASN B 90 12.10 -13.78 17.53
N THR B 91 12.67 -14.70 18.30
CA THR B 91 14.17 -14.84 18.17
C THR B 91 14.64 -15.37 16.82
N ILE B 92 13.79 -16.14 16.10
CA ILE B 92 14.36 -16.49 14.76
C ILE B 92 13.73 -15.77 13.59
N ILE B 93 12.78 -14.88 13.89
CA ILE B 93 12.27 -14.02 12.79
C ILE B 93 12.96 -12.67 12.85
N GLY B 94 13.11 -12.12 14.06
CA GLY B 94 13.78 -10.84 14.20
C GLY B 94 12.83 -9.70 14.55
N ASP B 95 13.35 -8.69 15.23
CA ASP B 95 12.45 -7.58 15.60
C ASP B 95 12.86 -6.22 14.97
N SER B 96 13.75 -6.25 13.98
CA SER B 96 14.09 -5.03 13.27
C SER B 96 14.64 -5.36 11.88
N ARG B 97 14.41 -4.44 10.93
CA ARG B 97 14.90 -4.61 9.57
C ARG B 97 15.35 -3.24 9.05
N VAL B 98 16.47 -3.27 8.35
CA VAL B 98 17.00 -2.05 7.76
C VAL B 98 16.68 -2.08 6.30
N ILE B 99 16.14 -0.97 5.81
CA ILE B 99 15.76 -0.85 4.39
C ILE B 99 16.29 0.42 3.78
N PRO B 100 17.18 0.28 2.79
CA PRO B 100 17.73 1.47 2.13
C PRO B 100 16.67 2.31 1.43
N VAL B 101 16.94 3.60 1.35
CA VAL B 101 16.10 4.55 0.66
C VAL B 101 17.03 5.17 -0.32
N VAL B 102 16.76 4.98 -1.61
CA VAL B 102 17.66 5.49 -2.64
C VAL B 102 16.89 6.30 -3.68
N GLY B 103 17.27 7.56 -3.85
CA GLY B 103 16.58 8.41 -4.80
C GLY B 103 15.10 8.50 -4.48
N GLY B 104 14.79 8.62 -3.18
CA GLY B 104 13.41 8.72 -2.75
C GLY B 104 12.63 7.42 -2.80
N ARG B 105 13.28 6.37 -3.30
CA ARG B 105 12.64 5.05 -3.43
C ARG B 105 12.97 4.09 -2.29
N LEU B 106 11.94 3.65 -1.55
CA LEU B 106 12.17 2.69 -0.52
C LEU B 106 12.60 1.44 -1.21
N SER B 107 13.80 0.98 -0.90
CA SER B 107 14.39 -0.13 -1.67
C SER B 107 13.87 -1.57 -1.33
N LEU B 108 12.59 -1.80 -1.60
CA LEU B 108 11.94 -3.08 -1.45
C LEU B 108 11.86 -3.75 -2.81
N GLY B 109 11.96 -5.08 -2.87
CA GLY B 109 11.81 -5.77 -4.13
C GLY B 109 10.38 -5.66 -4.60
N THR B 110 10.13 -6.08 -5.84
CA THR B 110 8.77 -5.99 -6.41
C THR B 110 7.71 -6.63 -5.52
N TRP B 111 7.98 -7.81 -4.99
CA TRP B 111 6.99 -8.51 -4.17
C TRP B 111 7.24 -8.46 -2.66
N GLN B 112 8.24 -7.69 -2.22
CA GLN B 112 8.56 -7.58 -0.81
C GLN B 112 7.65 -6.58 -0.11
N ARG B 113 7.14 -6.94 1.06
CA ARG B 113 6.30 -6.04 1.84
C ARG B 113 6.72 -6.17 3.30
N ILE B 114 6.41 -5.15 4.11
CA ILE B 114 6.76 -5.16 5.51
C ILE B 114 5.64 -5.80 6.30
N LEU B 115 5.93 -6.96 6.86
CA LEU B 115 4.92 -7.74 7.61
C LEU B 115 5.14 -7.73 9.12
N PHE B 116 4.09 -7.32 9.83
CA PHE B 116 4.12 -7.35 11.28
C PHE B 116 3.70 -8.76 11.62
N VAL B 117 4.46 -9.44 12.46
CA VAL B 117 4.07 -10.77 12.83
C VAL B 117 3.74 -10.86 14.29
N GLU B 118 2.44 -10.98 14.54
CA GLU B 118 1.92 -11.06 15.90
C GLU B 118 1.88 -12.52 16.35
N MET B 119 2.38 -12.79 17.55
CA MET B 119 2.37 -14.16 18.04
C MET B 119 1.75 -14.27 19.44
N ASP B 120 1.30 -13.14 19.97
CA ASP B 120 0.66 -13.11 21.28
C ASP B 120 -0.47 -12.09 21.30
N GLY B 121 -1.30 -12.10 20.26
CA GLY B 121 -2.41 -11.18 20.18
C GLY B 121 -3.65 -11.76 20.84
N PRO B 122 -4.78 -11.03 20.84
CA PRO B 122 -4.94 -9.70 20.25
C PRO B 122 -4.36 -8.62 21.15
N ARG B 123 -3.65 -7.67 20.56
CA ARG B 123 -3.00 -6.60 21.33
C ARG B 123 -2.91 -5.36 20.49
N GLU B 124 -2.81 -4.21 21.16
CA GLU B 124 -2.36 -3.04 20.38
C GLU B 124 -0.90 -2.88 20.49
N ARG B 125 -0.28 -3.15 19.33
CA ARG B 125 1.17 -3.18 19.21
C ARG B 125 1.68 -1.87 18.61
N THR B 126 3.01 -1.75 18.65
CA THR B 126 3.73 -0.56 18.15
C THR B 126 4.83 -0.93 17.17
N VAL B 127 4.93 -0.09 16.11
CA VAL B 127 6.07 -0.14 15.21
C VAL B 127 6.84 1.14 15.27
N ASN B 128 8.14 1.02 15.54
CA ASN B 128 8.95 2.22 15.58
C ASN B 128 9.70 2.39 14.27
N LEU B 129 9.92 3.63 13.90
CA LEU B 129 10.60 3.95 12.65
C LEU B 129 11.68 4.98 12.86
N LEU B 130 12.79 4.80 12.15
CA LEU B 130 13.95 5.72 12.23
C LEU B 130 14.46 5.96 10.83
N TYR B 131 14.68 7.21 10.47
CA TYR B 131 15.25 7.52 9.17
C TYR B 131 16.55 8.27 9.38
N LEU B 132 17.61 7.76 8.78
CA LEU B 132 18.93 8.34 8.90
C LEU B 132 19.46 8.67 7.51
N GLY B 133 19.61 9.95 7.20
CA GLY B 133 20.13 10.32 5.90
C GLY B 133 19.67 11.69 5.43
N GLU B 134 19.86 11.95 4.14
CA GLU B 134 19.48 13.22 3.54
C GLU B 134 18.13 13.16 2.84
#